data_4O0R
#
_entry.id   4O0R
#
_cell.length_a   63.323
_cell.length_b   80.774
_cell.length_c   66.013
_cell.angle_alpha   90.00
_cell.angle_beta   106.25
_cell.angle_gamma   90.00
#
_symmetry.space_group_name_H-M   'P 1 21 1'
#
loop_
_entity.id
_entity.type
_entity.pdbx_description
1 polymer 'Serine/threonine-protein kinase PAK 1'
2 non-polymer PF-3758309
3 water water
#
_entity_poly.entity_id   1
_entity_poly.type   'polypeptide(L)'
_entity_poly.pdbx_seq_one_letter_code
;SDEEILEKLRSIVSVGDPKKKYTRFEKIGQGASGTVYTAMDVATGQEVAIKQMNLQQQPKKELIINEILVMRENKNPNIV
NYLDSYLVGDELWVVMEYLAGGSLTDVVTETCMDEGQIAAVCRECLQALEFLHSNQVIHRNIKSDNILLGMDGSVKLTDF
GFCAQITPEQSKRSEMVGTPYWMAPEVVTRKAYGPKVDIWSLGIMAIEMIEGEPPYLNENPLRALYLIATNGTPELQNPE
KLSAIFRDFLNRCLEMDVEKRGSAKELLQHQFLKIAKPLSSLTPLIAAAKEATKNNHGNS
;
_entity_poly.pdbx_strand_id   A,B
#
# COMPACT_ATOMS: atom_id res chain seq x y z
N SER A 1 10.65 -11.45 21.13
CA SER A 1 9.21 -11.55 20.99
C SER A 1 8.76 -11.14 19.59
N ASP A 2 9.06 -9.90 19.21
CA ASP A 2 8.68 -9.36 17.91
C ASP A 2 9.79 -8.48 17.33
N GLU A 3 9.99 -8.55 16.01
CA GLU A 3 9.23 -9.44 15.15
C GLU A 3 9.96 -10.76 14.95
N GLU A 4 9.89 -11.62 15.96
CA GLU A 4 10.45 -12.97 15.87
C GLU A 4 9.50 -13.88 15.11
N ILE A 5 8.56 -13.27 14.40
CA ILE A 5 7.64 -13.99 13.55
C ILE A 5 8.35 -14.32 12.24
N LEU A 6 9.51 -13.69 12.04
CA LEU A 6 10.30 -13.88 10.82
C LEU A 6 10.87 -15.29 10.75
N GLU A 7 11.18 -15.85 11.92
CA GLU A 7 11.77 -17.18 12.00
C GLU A 7 10.91 -18.21 11.29
N LYS A 8 9.59 -18.03 11.35
CA LYS A 8 8.67 -18.88 10.62
C LYS A 8 8.85 -18.68 9.12
N LEU A 9 9.01 -17.43 8.72
CA LEU A 9 9.13 -17.06 7.32
C LEU A 9 10.47 -17.53 6.74
N ARG A 10 11.52 -17.47 7.56
CA ARG A 10 12.84 -17.93 7.12
C ARG A 10 12.90 -19.46 7.13
N SER A 11 11.99 -20.08 7.85
CA SER A 11 11.90 -21.53 7.88
C SER A 11 11.06 -22.05 6.74
N ILE A 12 10.17 -21.22 6.23
CA ILE A 12 9.29 -21.55 5.12
C ILE A 12 10.06 -21.65 3.81
N VAL A 13 10.74 -20.56 3.48
CA VAL A 13 11.42 -20.37 2.20
C VAL A 13 12.42 -21.46 1.87
N SER A 14 12.57 -21.74 0.58
CA SER A 14 13.59 -22.66 0.11
C SER A 14 14.95 -21.99 0.20
N VAL A 15 15.99 -22.82 0.33
CA VAL A 15 17.36 -22.32 0.46
C VAL A 15 18.07 -22.41 -0.87
N GLY A 16 19.21 -21.73 -0.98
CA GLY A 16 19.99 -21.75 -2.20
C GLY A 16 19.83 -20.50 -3.04
N ASP A 17 20.59 -20.44 -4.13
CA ASP A 17 20.67 -19.27 -4.98
C ASP A 17 19.65 -19.33 -6.11
N PRO A 18 18.64 -18.46 -6.06
CA PRO A 18 17.59 -18.40 -7.09
C PRO A 18 18.20 -18.03 -8.42
N LYS A 19 19.30 -17.29 -8.37
CA LYS A 19 20.05 -16.91 -9.57
C LYS A 19 20.55 -18.15 -10.30
N LYS A 20 20.91 -19.17 -9.55
CA LYS A 20 21.41 -20.41 -10.15
C LYS A 20 20.27 -21.22 -10.78
N LYS A 21 19.12 -21.28 -10.12
CA LYS A 21 18.03 -22.13 -10.58
C LYS A 21 17.19 -21.49 -11.69
N TYR A 22 17.27 -20.17 -11.83
CA TYR A 22 16.50 -19.47 -12.87
C TYR A 22 17.36 -18.47 -13.64
N THR A 23 17.20 -18.45 -14.96
CA THR A 23 17.91 -17.47 -15.78
C THR A 23 16.92 -16.72 -16.66
N ARG A 24 17.43 -15.96 -17.63
CA ARG A 24 16.61 -15.23 -18.59
C ARG A 24 15.58 -14.32 -17.92
N PHE A 25 16.04 -13.52 -16.95
CA PHE A 25 15.17 -12.61 -16.21
C PHE A 25 14.73 -11.41 -17.06
N GLU A 26 13.42 -11.22 -17.22
CA GLU A 26 12.88 -10.05 -17.91
C GLU A 26 11.69 -9.45 -17.15
N LYS A 27 11.80 -8.18 -16.77
CA LYS A 27 10.72 -7.50 -16.06
C LYS A 27 9.44 -7.46 -16.91
N ILE A 28 8.31 -7.77 -16.30
CA ILE A 28 7.03 -7.87 -17.00
C ILE A 28 6.00 -6.96 -16.33
N GLY A 29 6.26 -6.58 -15.08
CA GLY A 29 5.33 -5.73 -14.36
C GLY A 29 6.00 -5.10 -13.15
N GLN A 30 5.42 -4.00 -12.69
CA GLN A 30 5.95 -3.31 -11.53
C GLN A 30 4.87 -2.45 -10.88
N GLY A 31 4.10 -3.06 -9.99
CA GLY A 31 3.08 -2.35 -9.24
C GLY A 31 3.61 -1.86 -7.92
N ALA A 32 2.72 -1.41 -7.05
CA ALA A 32 3.12 -0.96 -5.72
C ALA A 32 3.36 -2.15 -4.81
N SER A 33 2.79 -3.29 -5.18
CA SER A 33 2.89 -4.50 -4.36
C SER A 33 4.02 -5.43 -4.82
N GLY A 34 5.02 -4.86 -5.48
CA GLY A 34 6.16 -5.63 -5.95
C GLY A 34 6.40 -5.50 -7.45
N THR A 35 7.35 -6.26 -7.97
CA THR A 35 7.62 -6.30 -9.40
C THR A 35 7.77 -7.75 -9.89
N VAL A 36 7.09 -8.07 -11.00
CA VAL A 36 7.10 -9.42 -11.55
C VAL A 36 8.10 -9.59 -12.69
N TYR A 37 8.88 -10.66 -12.64
CA TYR A 37 9.84 -10.99 -13.70
C TYR A 37 9.48 -12.32 -14.34
N THR A 38 9.74 -12.44 -15.64
CA THR A 38 9.68 -13.75 -16.29
C THR A 38 11.07 -14.39 -16.21
N ALA A 39 11.11 -15.72 -16.23
CA ALA A 39 12.38 -16.43 -16.11
C ALA A 39 12.23 -17.89 -16.49
N MET A 40 13.36 -18.54 -16.74
CA MET A 40 13.34 -19.95 -17.12
C MET A 40 13.99 -20.83 -16.06
N ASP A 41 13.29 -21.89 -15.69
CA ASP A 41 13.84 -22.90 -14.78
C ASP A 41 14.97 -23.61 -15.51
N VAL A 42 16.20 -23.43 -15.03
CA VAL A 42 17.37 -24.04 -15.65
C VAL A 42 17.23 -25.56 -15.72
N ALA A 43 16.48 -26.12 -14.78
CA ALA A 43 16.18 -27.55 -14.77
C ALA A 43 15.26 -27.94 -15.93
N THR A 44 13.95 -27.80 -15.72
CA THR A 44 12.95 -28.27 -16.67
C THR A 44 12.89 -27.45 -17.96
N GLY A 45 13.56 -26.29 -17.96
CA GLY A 45 13.50 -25.39 -19.10
C GLY A 45 12.15 -24.70 -19.18
N GLN A 46 11.45 -24.69 -18.05
CA GLN A 46 10.09 -24.15 -17.99
C GLN A 46 10.11 -22.66 -17.62
N GLU A 47 9.12 -21.94 -18.11
CA GLU A 47 9.02 -20.51 -17.84
C GLU A 47 8.25 -20.29 -16.53
N VAL A 48 8.76 -19.36 -15.72
CA VAL A 48 8.17 -19.09 -14.42
C VAL A 48 7.99 -17.59 -14.22
N ALA A 49 7.06 -17.23 -13.35
CA ALA A 49 6.86 -15.83 -12.99
C ALA A 49 7.34 -15.63 -11.55
N ILE A 50 8.27 -14.71 -11.37
CA ILE A 50 8.84 -14.46 -10.05
C ILE A 50 8.45 -13.08 -9.56
N LYS A 51 7.71 -13.04 -8.45
CA LYS A 51 7.35 -11.77 -7.85
C LYS A 51 8.41 -11.38 -6.83
N GLN A 52 8.84 -10.13 -6.85
CA GLN A 52 9.85 -9.64 -5.91
C GLN A 52 9.29 -8.50 -5.08
N MET A 53 9.20 -8.71 -3.78
CA MET A 53 8.70 -7.69 -2.88
C MET A 53 9.81 -7.11 -2.01
N ASN A 54 9.63 -5.86 -1.58
CA ASN A 54 10.69 -5.14 -0.87
C ASN A 54 10.93 -5.60 0.56
N LEU A 55 9.97 -6.33 1.12
CA LEU A 55 9.97 -6.73 2.53
C LEU A 55 10.03 -5.54 3.50
N GLN A 56 9.53 -5.74 4.72
CA GLN A 56 9.17 -4.62 5.61
C GLN A 56 8.24 -3.67 4.86
N GLN A 57 8.81 -3.01 3.84
CA GLN A 57 8.08 -2.10 2.96
C GLN A 57 6.88 -2.71 2.27
N GLN A 58 5.95 -3.20 3.09
CA GLN A 58 4.60 -3.53 2.63
C GLN A 58 3.58 -3.54 3.77
N PRO A 59 3.69 -4.48 4.74
CA PRO A 59 4.43 -5.72 5.00
C PRO A 59 3.49 -6.93 4.68
N LYS A 60 2.82 -7.72 5.55
CA LYS A 60 2.93 -7.86 7.00
C LYS A 60 3.15 -9.34 7.28
N LYS A 61 4.37 -9.68 7.70
CA LYS A 61 4.84 -11.06 7.83
C LYS A 61 3.78 -12.09 8.20
N GLU A 62 2.89 -11.72 9.11
CA GLU A 62 1.80 -12.61 9.52
C GLU A 62 0.94 -13.05 8.34
N LEU A 63 0.66 -12.12 7.42
CA LEU A 63 -0.24 -12.40 6.32
C LEU A 63 0.47 -12.87 5.05
N ILE A 64 1.76 -12.56 4.94
CA ILE A 64 2.52 -13.01 3.78
C ILE A 64 3.00 -14.45 4.01
N ILE A 65 3.11 -14.82 5.27
CA ILE A 65 3.36 -16.20 5.66
C ILE A 65 2.12 -17.01 5.35
N ASN A 66 0.97 -16.45 5.74
CA ASN A 66 -0.33 -17.05 5.46
C ASN A 66 -0.52 -17.30 3.96
N GLU A 67 -0.07 -16.34 3.14
CA GLU A 67 -0.21 -16.45 1.69
C GLU A 67 0.58 -17.64 1.14
N ILE A 68 1.82 -17.79 1.59
CA ILE A 68 2.66 -18.91 1.17
C ILE A 68 2.07 -20.24 1.60
N LEU A 69 1.76 -20.35 2.88
CA LEU A 69 1.30 -21.61 3.46
C LEU A 69 0.01 -22.08 2.80
N VAL A 70 -0.94 -21.16 2.64
CA VAL A 70 -2.23 -21.48 2.04
C VAL A 70 -2.10 -21.98 0.61
N MET A 71 -1.26 -21.33 -0.18
CA MET A 71 -1.00 -21.78 -1.55
C MET A 71 -0.37 -23.17 -1.60
N ARG A 72 0.54 -23.46 -0.68
CA ARG A 72 1.25 -24.74 -0.66
C ARG A 72 0.30 -25.92 -0.45
N GLU A 73 -0.66 -25.75 0.45
CA GLU A 73 -1.56 -26.84 0.80
C GLU A 73 -2.86 -26.84 0.00
N ASN A 74 -2.98 -25.92 -0.96
CA ASN A 74 -4.18 -25.83 -1.77
C ASN A 74 -3.87 -25.76 -3.27
N LYS A 75 -3.19 -26.78 -3.77
CA LYS A 75 -2.93 -26.90 -5.19
C LYS A 75 -4.18 -27.35 -5.91
N ASN A 76 -4.48 -26.69 -7.03
CA ASN A 76 -5.64 -27.00 -7.85
C ASN A 76 -5.39 -26.46 -9.25
N PRO A 77 -5.88 -27.18 -10.28
CA PRO A 77 -5.73 -26.68 -11.65
C PRO A 77 -6.24 -25.26 -11.83
N ASN A 78 -7.29 -24.88 -11.10
CA ASN A 78 -7.85 -23.53 -11.22
C ASN A 78 -7.25 -22.50 -10.27
N ILE A 79 -6.14 -22.87 -9.64
CA ILE A 79 -5.37 -21.92 -8.84
C ILE A 79 -3.98 -21.78 -9.43
N VAL A 80 -3.56 -20.54 -9.63
CA VAL A 80 -2.20 -20.28 -10.11
C VAL A 80 -1.20 -20.98 -9.18
N ASN A 81 -0.39 -21.87 -9.76
CA ASN A 81 0.53 -22.71 -9.02
C ASN A 81 1.66 -21.93 -8.34
N TYR A 82 1.87 -22.19 -7.05
CA TYR A 82 3.01 -21.68 -6.32
C TYR A 82 4.15 -22.67 -6.45
N LEU A 83 5.33 -22.18 -6.80
CA LEU A 83 6.46 -23.08 -7.03
C LEU A 83 7.43 -23.03 -5.87
N ASP A 84 8.05 -21.86 -5.67
CA ASP A 84 9.09 -21.71 -4.68
C ASP A 84 9.08 -20.34 -4.04
N SER A 85 9.85 -20.21 -2.96
CA SER A 85 10.05 -18.93 -2.29
C SER A 85 11.52 -18.80 -1.89
N TYR A 86 12.07 -17.60 -2.01
CA TYR A 86 13.44 -17.33 -1.62
C TYR A 86 13.54 -15.93 -1.06
N LEU A 87 14.15 -15.78 0.11
CA LEU A 87 14.42 -14.44 0.63
C LEU A 87 15.87 -14.03 0.36
N VAL A 88 16.04 -13.06 -0.52
CA VAL A 88 17.37 -12.61 -0.91
C VAL A 88 17.53 -11.11 -0.74
N GLY A 89 18.35 -10.71 0.23
CA GLY A 89 18.63 -9.30 0.47
C GLY A 89 17.40 -8.48 0.77
N ASP A 90 16.68 -8.85 1.83
CA ASP A 90 15.45 -8.17 2.23
C ASP A 90 14.40 -8.17 1.12
N GLU A 91 14.45 -9.16 0.24
CA GLU A 91 13.44 -9.28 -0.81
C GLU A 91 12.82 -10.66 -0.79
N LEU A 92 11.50 -10.71 -0.77
CA LEU A 92 10.80 -11.98 -0.85
C LEU A 92 10.53 -12.34 -2.31
N TRP A 93 11.19 -13.37 -2.79
CA TRP A 93 10.95 -13.85 -4.15
C TRP A 93 9.97 -15.02 -4.14
N VAL A 94 8.79 -14.79 -4.68
CA VAL A 94 7.80 -15.85 -4.83
C VAL A 94 7.76 -16.31 -6.27
N VAL A 95 8.13 -17.57 -6.50
CA VAL A 95 8.10 -18.12 -7.84
C VAL A 95 6.75 -18.76 -8.11
N MET A 96 6.04 -18.23 -9.09
CA MET A 96 4.72 -18.72 -9.47
C MET A 96 4.77 -19.19 -10.93
N GLU A 97 3.76 -19.95 -11.35
CA GLU A 97 3.66 -20.31 -12.75
C GLU A 97 3.35 -19.07 -13.58
N TYR A 98 3.76 -19.10 -14.84
CA TYR A 98 3.55 -17.97 -15.74
C TYR A 98 2.29 -18.20 -16.56
N LEU A 99 1.37 -17.24 -16.48
CA LEU A 99 0.21 -17.20 -17.36
C LEU A 99 0.34 -15.98 -18.25
N ALA A 100 0.48 -16.21 -19.55
CA ALA A 100 0.81 -15.15 -20.50
C ALA A 100 -0.39 -14.40 -21.09
N GLY A 101 -1.60 -14.87 -20.81
CA GLY A 101 -2.79 -14.24 -21.36
C GLY A 101 -3.30 -13.05 -20.58
N GLY A 102 -2.54 -12.63 -19.57
CA GLY A 102 -2.93 -11.47 -18.78
C GLY A 102 -4.09 -11.74 -17.84
N SER A 103 -4.73 -10.68 -17.37
CA SER A 103 -5.78 -10.82 -16.36
C SER A 103 -7.17 -10.64 -16.96
N LEU A 104 -8.19 -10.98 -16.18
CA LEU A 104 -9.57 -10.82 -16.60
C LEU A 104 -9.93 -9.33 -16.67
N THR A 105 -9.24 -8.52 -15.89
CA THR A 105 -9.43 -7.07 -15.90
C THR A 105 -9.11 -6.45 -17.27
N ASP A 106 -8.09 -6.97 -17.95
CA ASP A 106 -7.75 -6.50 -19.30
C ASP A 106 -8.88 -6.81 -20.26
N VAL A 107 -9.41 -8.02 -20.13
CA VAL A 107 -10.50 -8.47 -20.97
C VAL A 107 -11.80 -7.69 -20.69
N VAL A 108 -12.22 -7.66 -19.42
CA VAL A 108 -13.52 -7.09 -19.09
C VAL A 108 -13.60 -5.59 -19.36
N THR A 109 -12.45 -4.91 -19.33
CA THR A 109 -12.44 -3.46 -19.52
C THR A 109 -12.16 -3.02 -20.95
N GLU A 110 -11.80 -3.97 -21.82
CA GLU A 110 -11.43 -3.62 -23.20
C GLU A 110 -12.22 -4.38 -24.26
N THR A 111 -13.04 -5.34 -23.83
CA THR A 111 -13.80 -6.15 -24.76
C THR A 111 -15.21 -6.38 -24.26
N CYS A 112 -16.02 -6.97 -25.13
CA CYS A 112 -17.37 -7.39 -24.77
C CYS A 112 -17.37 -8.92 -24.74
N MET A 113 -18.08 -9.50 -23.79
CA MET A 113 -18.10 -10.96 -23.63
C MET A 113 -19.51 -11.44 -23.87
N ASP A 114 -19.66 -12.55 -24.58
CA ASP A 114 -20.97 -13.15 -24.72
C ASP A 114 -21.24 -14.06 -23.54
N GLU A 115 -22.51 -14.43 -23.34
CA GLU A 115 -22.87 -15.23 -22.18
C GLU A 115 -22.13 -16.57 -22.14
N GLY A 116 -21.75 -17.08 -23.31
CA GLY A 116 -21.00 -18.32 -23.39
C GLY A 116 -19.60 -18.19 -22.84
N GLN A 117 -18.98 -17.03 -23.08
CA GLN A 117 -17.64 -16.75 -22.58
C GLN A 117 -17.63 -16.44 -21.08
N ILE A 118 -18.69 -15.79 -20.62
CA ILE A 118 -18.84 -15.43 -19.21
C ILE A 118 -19.07 -16.70 -18.40
N ALA A 119 -19.89 -17.59 -18.94
CA ALA A 119 -20.21 -18.84 -18.27
C ALA A 119 -18.99 -19.73 -18.12
N ALA A 120 -18.10 -19.70 -19.11
CA ALA A 120 -16.89 -20.51 -19.05
C ALA A 120 -15.96 -20.01 -17.93
N VAL A 121 -15.86 -18.70 -17.79
CA VAL A 121 -15.05 -18.10 -16.74
C VAL A 121 -15.67 -18.35 -15.36
N CYS A 122 -16.98 -18.19 -15.25
CA CYS A 122 -17.67 -18.43 -13.99
C CYS A 122 -17.49 -19.86 -13.52
N ARG A 123 -17.49 -20.80 -14.47
CA ARG A 123 -17.36 -22.21 -14.13
C ARG A 123 -16.00 -22.52 -13.51
N GLU A 124 -14.93 -22.10 -14.17
CA GLU A 124 -13.58 -22.36 -13.67
C GLU A 124 -13.36 -21.75 -12.30
N CYS A 125 -13.88 -20.54 -12.09
CA CYS A 125 -13.76 -19.85 -10.81
C CYS A 125 -14.51 -20.57 -9.71
N LEU A 126 -15.72 -21.03 -10.01
CA LEU A 126 -16.49 -21.81 -9.06
C LEU A 126 -15.80 -23.13 -8.74
N GLN A 127 -15.12 -23.69 -9.73
CA GLN A 127 -14.36 -24.92 -9.50
C GLN A 127 -13.23 -24.68 -8.51
N ALA A 128 -12.59 -23.52 -8.60
CA ALA A 128 -11.54 -23.14 -7.65
C ALA A 128 -12.14 -22.81 -6.30
N LEU A 129 -13.32 -22.19 -6.32
CA LEU A 129 -14.00 -21.80 -5.09
C LEU A 129 -14.51 -22.99 -4.31
N GLU A 130 -15.05 -23.98 -5.01
CA GLU A 130 -15.55 -25.18 -4.36
C GLU A 130 -14.42 -25.96 -3.70
N PHE A 131 -13.26 -25.94 -4.32
CA PHE A 131 -12.06 -26.59 -3.79
C PHE A 131 -11.55 -25.90 -2.52
N LEU A 132 -11.44 -24.58 -2.56
CA LEU A 132 -11.00 -23.83 -1.40
C LEU A 132 -12.01 -23.94 -0.26
N HIS A 133 -13.28 -23.81 -0.60
CA HIS A 133 -14.35 -23.87 0.39
C HIS A 133 -14.44 -25.24 1.07
N SER A 134 -14.10 -26.29 0.34
CA SER A 134 -14.12 -27.63 0.91
C SER A 134 -12.90 -27.83 1.82
N ASN A 135 -11.82 -27.11 1.51
CA ASN A 135 -10.64 -27.09 2.37
C ASN A 135 -10.69 -25.96 3.38
N GLN A 136 -11.89 -25.46 3.63
CA GLN A 136 -12.13 -24.44 4.65
C GLN A 136 -11.27 -23.18 4.48
N VAL A 137 -11.08 -22.76 3.23
CA VAL A 137 -10.35 -21.54 2.93
C VAL A 137 -11.27 -20.54 2.22
N ILE A 138 -11.30 -19.31 2.75
CA ILE A 138 -12.09 -18.24 2.16
C ILE A 138 -11.14 -17.24 1.53
N HIS A 139 -11.34 -16.95 0.24
CA HIS A 139 -10.40 -16.07 -0.48
C HIS A 139 -10.47 -14.62 0.00
N ARG A 140 -11.68 -14.06 0.00
CA ARG A 140 -11.97 -12.71 0.50
C ARG A 140 -11.53 -11.56 -0.42
N ASN A 141 -10.85 -11.89 -1.52
CA ASN A 141 -10.47 -10.85 -2.47
C ASN A 141 -10.73 -11.26 -3.91
N ILE A 142 -11.82 -11.98 -4.14
CA ILE A 142 -12.20 -12.36 -5.49
C ILE A 142 -12.59 -11.13 -6.30
N LYS A 143 -11.85 -10.91 -7.40
CA LYS A 143 -12.15 -9.86 -8.36
C LYS A 143 -11.40 -10.18 -9.64
N SER A 144 -11.72 -9.48 -10.73
CA SER A 144 -11.16 -9.83 -12.04
C SER A 144 -9.64 -9.67 -12.09
N ASP A 145 -9.11 -8.75 -11.28
CA ASP A 145 -7.67 -8.52 -11.21
C ASP A 145 -6.91 -9.76 -10.72
N ASN A 146 -7.59 -10.61 -9.95
CA ASN A 146 -6.96 -11.79 -9.39
C ASN A 146 -7.26 -13.06 -10.18
N ILE A 147 -7.83 -12.88 -11.37
CA ILE A 147 -8.03 -13.98 -12.30
C ILE A 147 -7.02 -13.87 -13.45
N LEU A 148 -6.16 -14.88 -13.58
CA LEU A 148 -5.18 -14.87 -14.63
C LEU A 148 -5.59 -15.80 -15.77
N LEU A 149 -5.14 -15.49 -16.98
CA LEU A 149 -5.53 -16.24 -18.17
C LEU A 149 -4.34 -16.87 -18.86
N GLY A 150 -4.48 -18.14 -19.25
CA GLY A 150 -3.48 -18.79 -20.06
C GLY A 150 -3.66 -18.45 -21.53
N MET A 151 -2.60 -18.66 -22.32
CA MET A 151 -2.69 -18.41 -23.76
C MET A 151 -3.69 -19.35 -24.42
N ASP A 152 -3.91 -20.49 -23.79
CA ASP A 152 -4.89 -21.46 -24.23
C ASP A 152 -6.27 -21.17 -23.64
N GLY A 153 -6.41 -20.07 -22.92
CA GLY A 153 -7.68 -19.69 -22.33
C GLY A 153 -7.93 -20.23 -20.93
N SER A 154 -6.89 -20.76 -20.31
CA SER A 154 -6.98 -21.27 -18.94
C SER A 154 -7.38 -20.17 -17.96
N VAL A 155 -8.29 -20.49 -17.06
CA VAL A 155 -8.72 -19.53 -16.03
C VAL A 155 -8.23 -19.98 -14.65
N LYS A 156 -7.39 -19.16 -14.02
CA LYS A 156 -6.81 -19.52 -12.73
C LYS A 156 -6.84 -18.39 -11.70
N LEU A 157 -7.13 -18.74 -10.45
CA LEU A 157 -7.22 -17.79 -9.35
C LEU A 157 -5.87 -17.54 -8.68
N THR A 158 -5.61 -16.30 -8.32
CA THR A 158 -4.38 -15.94 -7.60
C THR A 158 -4.65 -14.96 -6.43
N ASP A 159 -3.57 -14.49 -5.81
CA ASP A 159 -3.60 -13.50 -4.73
C ASP A 159 -4.27 -14.00 -3.44
N PHE A 160 -3.49 -14.67 -2.59
CA PHE A 160 -4.04 -15.25 -1.37
C PHE A 160 -3.65 -14.47 -0.13
N GLY A 161 -3.31 -13.20 -0.31
CA GLY A 161 -2.85 -12.39 0.80
C GLY A 161 -3.92 -12.12 1.83
N PHE A 162 -5.18 -12.20 1.40
CA PHE A 162 -6.30 -11.83 2.24
C PHE A 162 -7.11 -13.03 2.71
N CYS A 163 -6.68 -14.23 2.36
CA CYS A 163 -7.47 -15.40 2.70
C CYS A 163 -7.49 -15.69 4.21
N ALA A 164 -8.47 -16.49 4.63
CA ALA A 164 -8.63 -16.86 6.03
C ALA A 164 -9.08 -18.30 6.12
N GLN A 165 -8.50 -19.03 7.07
CA GLN A 165 -8.89 -20.42 7.33
C GLN A 165 -10.09 -20.41 8.26
N ILE A 166 -10.86 -21.48 8.23
CA ILE A 166 -11.99 -21.61 9.15
C ILE A 166 -12.06 -23.01 9.72
N THR A 167 -12.69 -23.14 10.88
CA THR A 167 -12.83 -24.42 11.56
C THR A 167 -14.29 -24.64 11.91
N PRO A 168 -14.67 -25.90 12.19
CA PRO A 168 -16.01 -26.13 12.72
C PRO A 168 -16.26 -25.35 14.01
N GLU A 169 -15.20 -25.06 14.77
CA GLU A 169 -15.32 -24.27 15.98
C GLU A 169 -15.53 -22.80 15.66
N GLN A 170 -14.66 -22.24 14.82
CA GLN A 170 -14.83 -20.88 14.33
C GLN A 170 -15.20 -20.89 12.85
N SER A 171 -16.49 -21.05 12.57
CA SER A 171 -16.99 -21.19 11.21
C SER A 171 -17.20 -19.85 10.53
N LYS A 172 -17.05 -18.76 11.28
CA LYS A 172 -17.24 -17.43 10.71
C LYS A 172 -15.99 -16.55 10.80
N ARG A 173 -16.15 -15.28 10.43
CA ARG A 173 -15.03 -14.34 10.38
C ARG A 173 -15.62 -12.91 10.43
N SER A 174 -14.84 -11.95 10.94
CA SER A 174 -15.41 -10.64 11.24
C SER A 174 -14.57 -9.42 10.85
N GLU A 175 -13.51 -9.62 10.08
CA GLU A 175 -12.63 -8.52 9.69
C GLU A 175 -13.10 -7.85 8.40
N MET A 176 -13.05 -6.53 8.37
CA MET A 176 -13.44 -5.76 7.20
C MET A 176 -12.31 -5.76 6.18
N VAL A 177 -12.05 -6.92 5.57
CA VAL A 177 -10.99 -7.03 4.58
C VAL A 177 -11.52 -7.36 3.17
N GLY A 178 -10.69 -7.08 2.17
CA GLY A 178 -11.07 -7.25 0.78
C GLY A 178 -10.97 -5.94 0.01
N THR A 179 -11.54 -5.91 -1.19
CA THR A 179 -11.57 -4.71 -2.01
C THR A 179 -13.01 -4.21 -2.05
N PRO A 180 -13.21 -2.92 -1.71
CA PRO A 180 -14.53 -2.30 -1.50
C PRO A 180 -15.64 -2.73 -2.45
N TYR A 181 -15.45 -2.46 -3.73
CA TYR A 181 -16.50 -2.68 -4.72
C TYR A 181 -16.96 -4.14 -4.83
N TRP A 182 -16.10 -5.08 -4.45
CA TRP A 182 -16.40 -6.51 -4.54
C TRP A 182 -16.86 -7.12 -3.21
N MET A 183 -16.84 -6.31 -2.15
CA MET A 183 -17.12 -6.81 -0.82
C MET A 183 -18.60 -7.13 -0.56
N ALA A 184 -18.85 -8.30 0.00
CA ALA A 184 -20.19 -8.73 0.37
C ALA A 184 -20.75 -7.80 1.44
N PRO A 185 -22.07 -7.58 1.41
CA PRO A 185 -22.73 -6.67 2.36
C PRO A 185 -22.46 -7.04 3.82
N GLU A 186 -22.49 -8.34 4.13
CA GLU A 186 -22.23 -8.80 5.49
C GLU A 186 -20.81 -8.51 5.95
N VAL A 187 -19.90 -8.34 4.99
CA VAL A 187 -18.54 -7.94 5.33
C VAL A 187 -18.49 -6.42 5.56
N VAL A 188 -19.16 -5.68 4.69
CA VAL A 188 -19.22 -4.22 4.81
C VAL A 188 -19.89 -3.80 6.13
N THR A 189 -20.80 -4.63 6.63
CA THR A 189 -21.53 -4.31 7.86
C THR A 189 -21.03 -5.10 9.07
N ARG A 190 -19.76 -5.50 9.03
CA ARG A 190 -19.08 -6.13 10.15
C ARG A 190 -19.87 -7.24 10.85
N LYS A 191 -20.55 -8.06 10.06
CA LYS A 191 -21.26 -9.22 10.60
C LYS A 191 -20.41 -10.47 10.47
N ALA A 192 -20.80 -11.53 11.17
CA ALA A 192 -20.06 -12.78 11.07
C ALA A 192 -20.40 -13.44 9.74
N TYR A 193 -19.37 -13.64 8.92
CA TYR A 193 -19.59 -14.17 7.58
C TYR A 193 -18.87 -15.49 7.31
N GLY A 194 -19.24 -16.12 6.19
CA GLY A 194 -18.69 -17.41 5.82
C GLY A 194 -18.12 -17.42 4.42
N PRO A 195 -17.89 -18.61 3.86
CA PRO A 195 -17.31 -18.78 2.53
C PRO A 195 -18.14 -18.14 1.42
N LYS A 196 -19.43 -17.91 1.69
CA LYS A 196 -20.33 -17.39 0.67
C LYS A 196 -20.06 -15.94 0.29
N VAL A 197 -19.12 -15.30 0.99
CA VAL A 197 -18.72 -13.94 0.61
C VAL A 197 -18.00 -13.97 -0.73
N ASP A 198 -17.27 -15.05 -0.98
CA ASP A 198 -16.57 -15.24 -2.25
C ASP A 198 -17.58 -15.38 -3.37
N ILE A 199 -18.73 -15.96 -3.06
CA ILE A 199 -19.79 -16.10 -4.05
C ILE A 199 -20.33 -14.73 -4.45
N TRP A 200 -20.46 -13.84 -3.47
CA TRP A 200 -20.91 -12.48 -3.73
C TRP A 200 -19.92 -11.76 -4.64
N SER A 201 -18.64 -11.92 -4.35
CA SER A 201 -17.61 -11.22 -5.12
C SER A 201 -17.54 -11.76 -6.54
N LEU A 202 -17.88 -13.03 -6.70
CA LEU A 202 -17.94 -13.66 -8.01
C LEU A 202 -19.05 -12.99 -8.82
N GLY A 203 -20.18 -12.78 -8.15
CA GLY A 203 -21.32 -12.12 -8.76
C GLY A 203 -20.98 -10.72 -9.22
N ILE A 204 -20.23 -9.97 -8.40
CA ILE A 204 -19.77 -8.65 -8.80
C ILE A 204 -18.78 -8.78 -9.94
N MET A 205 -18.00 -9.85 -9.94
CA MET A 205 -17.06 -10.07 -11.02
C MET A 205 -17.82 -10.36 -12.32
N ALA A 206 -18.96 -11.05 -12.21
CA ALA A 206 -19.80 -11.27 -13.38
C ALA A 206 -20.36 -9.95 -13.90
N ILE A 207 -20.70 -9.05 -12.98
CA ILE A 207 -21.15 -7.71 -13.34
C ILE A 207 -20.06 -6.99 -14.12
N GLU A 208 -18.80 -7.22 -13.74
CA GLU A 208 -17.67 -6.67 -14.49
C GLU A 208 -17.68 -7.17 -15.93
N MET A 209 -17.87 -8.48 -16.10
CA MET A 209 -17.86 -9.10 -17.42
C MET A 209 -19.03 -8.60 -18.27
N ILE A 210 -20.11 -8.21 -17.61
CA ILE A 210 -21.26 -7.60 -18.25
C ILE A 210 -21.04 -6.12 -18.62
N GLU A 211 -20.71 -5.31 -17.62
CA GLU A 211 -20.67 -3.85 -17.81
C GLU A 211 -19.28 -3.23 -17.92
N GLY A 212 -18.24 -3.99 -17.61
CA GLY A 212 -16.86 -3.51 -17.73
C GLY A 212 -16.26 -3.08 -16.40
N GLU A 213 -17.11 -2.97 -15.39
CA GLU A 213 -16.64 -2.60 -14.07
C GLU A 213 -17.69 -2.90 -13.00
N PRO A 214 -17.25 -3.05 -11.73
CA PRO A 214 -18.18 -3.33 -10.64
C PRO A 214 -19.03 -2.10 -10.33
N PRO A 215 -20.19 -2.30 -9.68
CA PRO A 215 -21.05 -1.17 -9.30
C PRO A 215 -20.31 -0.11 -8.51
N TYR A 216 -20.68 1.15 -8.69
CA TYR A 216 -20.19 2.29 -7.92
C TYR A 216 -18.71 2.65 -8.15
N LEU A 217 -18.09 2.11 -9.20
CA LEU A 217 -16.65 2.31 -9.38
C LEU A 217 -16.25 3.78 -9.58
N ASN A 218 -17.19 4.60 -10.05
CA ASN A 218 -16.90 6.03 -10.17
C ASN A 218 -16.82 6.68 -8.78
N GLU A 219 -17.60 6.16 -7.83
CA GLU A 219 -17.58 6.65 -6.46
C GLU A 219 -16.26 6.26 -5.80
N ASN A 220 -15.91 6.96 -4.75
CA ASN A 220 -14.71 6.63 -3.98
C ASN A 220 -14.98 5.43 -3.08
N PRO A 221 -13.93 4.70 -2.66
CA PRO A 221 -14.06 3.49 -1.84
C PRO A 221 -15.04 3.62 -0.67
N LEU A 222 -14.93 4.69 0.12
CA LEU A 222 -15.83 4.86 1.26
C LEU A 222 -17.25 5.13 0.81
N ARG A 223 -17.41 5.88 -0.27
CA ARG A 223 -18.73 6.16 -0.82
C ARG A 223 -19.36 4.87 -1.36
N ALA A 224 -18.54 4.02 -1.95
CA ALA A 224 -18.99 2.74 -2.48
C ALA A 224 -19.33 1.80 -1.33
N LEU A 225 -18.51 1.86 -0.28
CA LEU A 225 -18.73 1.08 0.93
C LEU A 225 -20.10 1.39 1.56
N TYR A 226 -20.48 2.66 1.52
CA TYR A 226 -21.78 3.06 2.04
C TYR A 226 -22.89 2.57 1.12
N LEU A 227 -22.70 2.74 -0.19
CA LEU A 227 -23.70 2.33 -1.18
C LEU A 227 -24.07 0.86 -1.09
N ILE A 228 -23.06 0.01 -0.86
CA ILE A 228 -23.27 -1.43 -0.73
C ILE A 228 -24.11 -1.79 0.49
N ALA A 229 -23.77 -1.22 1.63
CA ALA A 229 -24.44 -1.53 2.89
C ALA A 229 -25.91 -1.13 2.91
N THR A 230 -26.25 -0.05 2.21
CA THR A 230 -27.64 0.39 2.14
C THR A 230 -28.44 -0.32 1.04
N ASN A 231 -27.94 -0.27 -0.20
CA ASN A 231 -28.67 -0.78 -1.36
C ASN A 231 -28.88 -2.30 -1.36
N GLY A 232 -27.94 -3.02 -0.76
CA GLY A 232 -27.96 -4.46 -0.84
C GLY A 232 -27.61 -4.93 -2.25
N THR A 233 -28.44 -5.82 -2.80
CA THR A 233 -28.19 -6.35 -4.13
C THR A 233 -28.11 -5.24 -5.17
N PRO A 234 -26.99 -5.19 -5.91
CA PRO A 234 -26.79 -4.11 -6.89
C PRO A 234 -27.65 -4.30 -8.13
N GLU A 235 -28.05 -3.19 -8.74
CA GLU A 235 -28.88 -3.22 -9.93
C GLU A 235 -28.00 -3.22 -11.19
N LEU A 236 -28.37 -4.01 -12.18
CA LEU A 236 -27.75 -3.91 -13.49
C LEU A 236 -28.27 -2.65 -14.14
N GLN A 237 -27.47 -2.02 -14.99
CA GLN A 237 -27.92 -0.87 -15.74
C GLN A 237 -28.92 -1.29 -16.82
N ASN A 238 -28.61 -2.40 -17.50
CA ASN A 238 -29.47 -2.91 -18.57
C ASN A 238 -29.81 -4.40 -18.40
N PRO A 239 -30.60 -4.72 -17.37
CA PRO A 239 -30.89 -6.11 -16.98
C PRO A 239 -31.51 -6.92 -18.12
N GLU A 240 -32.29 -6.24 -18.96
CA GLU A 240 -33.07 -6.90 -20.02
C GLU A 240 -32.20 -7.48 -21.14
N LYS A 241 -30.95 -7.03 -21.22
CA LYS A 241 -30.00 -7.55 -22.19
C LYS A 241 -29.60 -8.99 -21.89
N LEU A 242 -29.87 -9.44 -20.67
CA LEU A 242 -29.43 -10.76 -20.24
C LEU A 242 -30.51 -11.81 -20.42
N SER A 243 -30.09 -13.03 -20.78
CA SER A 243 -30.98 -14.17 -20.77
C SER A 243 -31.51 -14.39 -19.35
N ALA A 244 -32.71 -14.97 -19.25
CA ALA A 244 -33.33 -15.20 -17.95
C ALA A 244 -32.48 -16.13 -17.07
N ILE A 245 -31.73 -17.03 -17.70
CA ILE A 245 -30.93 -18.00 -16.96
C ILE A 245 -29.63 -17.38 -16.43
N PHE A 246 -29.15 -16.34 -17.10
CA PHE A 246 -28.00 -15.58 -16.62
C PHE A 246 -28.45 -14.74 -15.43
N ARG A 247 -29.60 -14.08 -15.57
CA ARG A 247 -30.15 -13.27 -14.47
C ARG A 247 -30.37 -14.10 -13.22
N ASP A 248 -30.81 -15.34 -13.40
CA ASP A 248 -31.05 -16.23 -12.27
C ASP A 248 -29.74 -16.52 -11.56
N PHE A 249 -28.72 -16.87 -12.34
CA PHE A 249 -27.38 -17.14 -11.85
C PHE A 249 -26.85 -15.95 -11.07
N LEU A 250 -27.10 -14.75 -11.60
CA LEU A 250 -26.67 -13.53 -10.95
C LEU A 250 -27.37 -13.31 -9.61
N ASN A 251 -28.70 -13.42 -9.63
CA ASN A 251 -29.50 -13.21 -8.43
C ASN A 251 -29.14 -14.16 -7.30
N ARG A 252 -28.63 -15.33 -7.64
CA ARG A 252 -28.26 -16.33 -6.66
C ARG A 252 -26.84 -16.12 -6.14
N CYS A 253 -26.02 -15.40 -6.91
CA CYS A 253 -24.68 -15.01 -6.48
C CYS A 253 -24.77 -13.78 -5.58
N LEU A 254 -25.79 -12.96 -5.82
CA LEU A 254 -25.93 -11.67 -5.15
C LEU A 254 -27.12 -11.62 -4.19
N GLU A 255 -27.48 -12.78 -3.64
CA GLU A 255 -28.58 -12.87 -2.70
C GLU A 255 -28.20 -12.34 -1.31
N MET A 256 -28.98 -11.38 -0.81
CA MET A 256 -28.72 -10.76 0.48
C MET A 256 -28.76 -11.76 1.63
N ASP A 257 -29.71 -12.68 1.58
CA ASP A 257 -29.81 -13.75 2.57
C ASP A 257 -28.69 -14.75 2.29
N VAL A 258 -27.68 -14.75 3.16
CA VAL A 258 -26.54 -15.67 3.03
C VAL A 258 -27.04 -17.11 2.88
N GLU A 259 -28.09 -17.43 3.62
CA GLU A 259 -28.66 -18.77 3.59
C GLU A 259 -29.25 -19.10 2.22
N LYS A 260 -29.79 -18.09 1.55
CA LYS A 260 -30.44 -18.29 0.25
C LYS A 260 -29.43 -18.24 -0.90
N ARG A 261 -28.37 -17.45 -0.71
CA ARG A 261 -27.29 -17.32 -1.70
C ARG A 261 -26.66 -18.69 -1.98
N GLY A 262 -26.20 -18.88 -3.20
CA GLY A 262 -25.68 -20.18 -3.61
C GLY A 262 -24.29 -20.46 -3.06
N SER A 263 -23.97 -21.75 -2.93
CA SER A 263 -22.62 -22.17 -2.62
C SER A 263 -21.93 -22.55 -3.93
N ALA A 264 -20.60 -22.67 -3.89
CA ALA A 264 -19.84 -23.03 -5.07
C ALA A 264 -20.26 -24.40 -5.59
N LYS A 265 -20.45 -25.34 -4.68
CA LYS A 265 -20.95 -26.67 -5.00
C LYS A 265 -22.30 -26.60 -5.70
N GLU A 266 -23.20 -25.78 -5.16
CA GLU A 266 -24.53 -25.60 -5.74
C GLU A 266 -24.46 -24.94 -7.11
N LEU A 267 -23.75 -23.82 -7.20
CA LEU A 267 -23.73 -23.01 -8.41
C LEU A 267 -23.08 -23.73 -9.60
N LEU A 268 -22.21 -24.69 -9.32
CA LEU A 268 -21.59 -25.47 -10.39
C LEU A 268 -22.61 -26.30 -11.17
N GLN A 269 -23.81 -26.46 -10.61
CA GLN A 269 -24.86 -27.25 -11.25
C GLN A 269 -25.88 -26.36 -11.95
N HIS A 270 -25.70 -25.05 -11.88
CA HIS A 270 -26.67 -24.11 -12.44
C HIS A 270 -26.77 -24.21 -13.96
N GLN A 271 -27.98 -24.00 -14.49
CA GLN A 271 -28.21 -24.13 -15.93
C GLN A 271 -27.47 -23.09 -16.76
N PHE A 272 -27.01 -22.02 -16.12
CA PHE A 272 -26.27 -21.00 -16.84
C PHE A 272 -24.92 -21.53 -17.31
N LEU A 273 -24.35 -22.47 -16.56
CA LEU A 273 -23.03 -23.01 -16.93
C LEU A 273 -23.13 -24.08 -18.00
N LYS A 274 -24.36 -24.45 -18.36
CA LYS A 274 -24.60 -25.38 -19.47
C LYS A 274 -24.10 -24.76 -20.76
N ILE A 275 -24.50 -23.52 -20.99
CA ILE A 275 -24.19 -22.81 -22.24
C ILE A 275 -22.76 -22.26 -22.27
N ALA A 276 -21.89 -22.83 -21.46
CA ALA A 276 -20.51 -22.42 -21.44
C ALA A 276 -19.81 -22.83 -22.73
N LYS A 277 -19.04 -21.92 -23.29
CA LYS A 277 -18.20 -22.23 -24.44
C LYS A 277 -16.89 -22.87 -23.96
N PRO A 278 -16.14 -23.52 -24.87
CA PRO A 278 -14.82 -24.01 -24.49
C PRO A 278 -13.92 -22.83 -24.14
N LEU A 279 -12.81 -23.11 -23.45
CA LEU A 279 -11.90 -22.05 -23.03
C LEU A 279 -11.13 -21.43 -24.19
N SER A 280 -11.09 -22.13 -25.32
CA SER A 280 -10.47 -21.59 -26.53
C SER A 280 -11.16 -20.32 -27.00
N SER A 281 -12.46 -20.24 -26.75
CA SER A 281 -13.26 -19.07 -27.08
C SER A 281 -12.90 -17.82 -26.26
N LEU A 282 -11.87 -17.91 -25.42
CA LEU A 282 -11.42 -16.75 -24.66
C LEU A 282 -10.18 -16.11 -25.29
N THR A 283 -9.46 -16.88 -26.09
CA THR A 283 -8.24 -16.39 -26.74
C THR A 283 -8.42 -15.17 -27.67
N PRO A 284 -9.59 -15.05 -28.34
CA PRO A 284 -9.71 -13.79 -29.08
C PRO A 284 -9.94 -12.60 -28.15
N LEU A 285 -10.61 -12.83 -27.02
CA LEU A 285 -10.73 -11.81 -25.99
C LEU A 285 -9.35 -11.36 -25.53
N ILE A 286 -8.50 -12.35 -25.26
CA ILE A 286 -7.12 -12.11 -24.85
C ILE A 286 -6.38 -11.29 -25.91
N ALA A 287 -6.43 -11.77 -27.15
CA ALA A 287 -5.84 -11.08 -28.29
C ALA A 287 -6.33 -9.63 -28.41
N ALA A 288 -7.63 -9.44 -28.17
CA ALA A 288 -8.22 -8.11 -28.26
C ALA A 288 -7.71 -7.19 -27.16
N ALA A 289 -7.60 -7.71 -25.94
CA ALA A 289 -7.09 -6.93 -24.81
C ALA A 289 -5.65 -6.49 -25.01
N LYS A 290 -4.81 -7.41 -25.47
CA LYS A 290 -3.41 -7.10 -25.82
C LYS A 290 -3.32 -5.90 -26.75
N GLU A 291 -4.03 -5.96 -27.88
CA GLU A 291 -4.18 -4.80 -28.75
C GLU A 291 -4.94 -3.74 -27.95
N ALA A 292 -4.65 -2.47 -28.20
CA ALA A 292 -5.07 -1.40 -27.29
C ALA A 292 -4.43 -1.61 -25.92
N THR A 293 -3.12 -1.36 -25.86
CA THR A 293 -2.33 -1.41 -24.63
C THR A 293 -0.94 -0.86 -24.91
N SER B 1 11.51 16.60 -24.80
CA SER B 1 12.15 15.38 -25.25
C SER B 1 13.17 14.89 -24.23
N ASP B 2 13.98 13.91 -24.63
CA ASP B 2 15.03 13.38 -23.76
C ASP B 2 16.25 14.29 -23.77
N GLU B 3 16.44 15.01 -24.87
CA GLU B 3 17.51 15.98 -24.98
C GLU B 3 17.23 17.18 -24.09
N GLU B 4 15.95 17.37 -23.77
CA GLU B 4 15.53 18.42 -22.84
C GLU B 4 15.74 17.93 -21.42
N ILE B 5 15.93 16.62 -21.27
CA ILE B 5 16.17 15.99 -19.98
C ILE B 5 17.68 15.84 -19.71
N LEU B 6 18.39 15.31 -20.70
CA LEU B 6 19.82 15.04 -20.58
C LEU B 6 20.65 16.29 -20.26
N GLU B 7 20.42 17.37 -21.01
CA GLU B 7 21.26 18.55 -20.92
C GLU B 7 20.73 19.60 -19.94
N LYS B 8 19.60 19.30 -19.30
CA LYS B 8 19.05 20.18 -18.28
C LYS B 8 19.75 19.94 -16.95
N LEU B 9 20.09 18.67 -16.70
CA LEU B 9 20.77 18.28 -15.47
C LEU B 9 22.17 18.86 -15.38
N ARG B 10 22.94 18.74 -16.46
CA ARG B 10 24.33 19.19 -16.50
C ARG B 10 24.50 20.67 -16.17
N SER B 11 23.45 21.45 -16.40
CA SER B 11 23.47 22.87 -16.09
C SER B 11 23.19 23.12 -14.62
N ILE B 12 22.68 22.11 -13.93
CA ILE B 12 22.29 22.22 -12.53
C ILE B 12 23.33 21.63 -11.59
N VAL B 13 23.75 20.40 -11.89
CA VAL B 13 24.66 19.67 -11.02
C VAL B 13 26.01 20.36 -10.87
N SER B 14 26.79 19.91 -9.90
CA SER B 14 28.12 20.45 -9.67
C SER B 14 29.14 19.72 -10.53
N VAL B 15 30.35 20.29 -10.60
CA VAL B 15 31.46 19.62 -11.24
C VAL B 15 32.28 18.92 -10.15
N GLY B 16 33.13 17.99 -10.56
CA GLY B 16 33.95 17.27 -9.61
C GLY B 16 33.56 15.81 -9.48
N ASP B 17 34.47 15.02 -8.95
CA ASP B 17 34.24 13.58 -8.78
C ASP B 17 33.74 13.33 -7.36
N PRO B 18 32.46 12.96 -7.23
CA PRO B 18 31.80 12.74 -5.94
C PRO B 18 32.43 11.59 -5.18
N LYS B 19 33.02 10.65 -5.91
CA LYS B 19 33.68 9.51 -5.28
C LYS B 19 35.00 9.94 -4.63
N LYS B 20 35.49 11.12 -5.01
CA LYS B 20 36.68 11.70 -4.41
C LYS B 20 36.29 12.57 -3.22
N LYS B 21 35.13 13.23 -3.32
CA LYS B 21 34.71 14.20 -2.32
C LYS B 21 34.16 13.53 -1.06
N TYR B 22 33.75 12.27 -1.18
CA TYR B 22 33.10 11.54 -0.10
C TYR B 22 33.73 10.15 0.12
N THR B 23 33.71 9.68 1.37
CA THR B 23 34.26 8.37 1.70
C THR B 23 33.36 7.65 2.68
N ARG B 24 33.75 6.43 3.05
CA ARG B 24 33.06 5.67 4.08
C ARG B 24 31.59 5.51 3.78
N PHE B 25 31.29 5.19 2.52
CA PHE B 25 29.92 4.97 2.07
C PHE B 25 29.27 3.84 2.83
N GLU B 26 28.59 4.18 3.92
CA GLU B 26 27.83 3.19 4.67
C GLU B 26 26.41 3.17 4.13
N LYS B 27 26.00 2.01 3.62
CA LYS B 27 24.68 1.87 3.03
C LYS B 27 23.60 1.77 4.09
N ILE B 28 22.76 2.81 4.18
CA ILE B 28 21.65 2.77 5.13
C ILE B 28 20.32 2.78 4.39
N GLY B 29 20.14 1.81 3.50
CA GLY B 29 18.87 1.63 2.81
C GLY B 29 18.90 1.67 1.29
N GLN B 30 17.73 1.75 0.70
CA GLN B 30 17.54 1.76 -0.74
C GLN B 30 16.13 2.27 -1.04
N GLY B 31 15.85 2.58 -2.30
CA GLY B 31 14.56 3.10 -2.71
C GLY B 31 13.37 2.22 -2.34
N ALA B 32 12.13 2.74 -2.34
CA ALA B 32 11.74 4.12 -2.70
C ALA B 32 12.06 4.59 -4.14
N SER B 33 13.07 5.44 -4.28
CA SER B 33 13.43 5.98 -5.58
C SER B 33 14.84 5.56 -6.01
N GLY B 34 15.67 5.18 -5.04
CA GLY B 34 17.03 4.74 -5.31
C GLY B 34 17.81 4.50 -4.03
N THR B 35 19.03 3.99 -4.17
CA THR B 35 19.88 3.74 -3.00
C THR B 35 20.25 5.05 -2.30
N VAL B 36 20.28 5.00 -0.96
CA VAL B 36 20.70 6.15 -0.18
C VAL B 36 21.74 5.74 0.86
N TYR B 37 22.94 6.31 0.77
CA TYR B 37 24.02 5.97 1.67
C TYR B 37 24.32 7.15 2.59
N THR B 38 25.14 6.91 3.60
CA THR B 38 25.63 8.00 4.43
C THR B 38 27.14 8.08 4.36
N ALA B 39 27.63 8.93 3.46
CA ALA B 39 29.05 9.19 3.35
C ALA B 39 29.44 10.37 4.22
N MET B 40 30.73 10.65 4.30
CA MET B 40 31.20 11.85 4.96
C MET B 40 32.02 12.68 3.98
N ASP B 41 31.98 13.99 4.16
CA ASP B 41 32.77 14.89 3.35
C ASP B 41 34.24 14.72 3.73
N VAL B 42 35.05 14.35 2.74
CA VAL B 42 36.49 14.12 2.89
C VAL B 42 37.23 15.30 3.53
N ALA B 43 36.82 16.52 3.19
CA ALA B 43 37.55 17.71 3.59
C ALA B 43 37.07 18.34 4.91
N THR B 44 35.80 18.17 5.24
CA THR B 44 35.21 18.89 6.37
C THR B 44 34.74 17.99 7.50
N GLY B 45 34.42 16.75 7.20
CA GLY B 45 33.94 15.83 8.21
C GLY B 45 32.43 15.68 8.20
N GLN B 46 31.76 16.53 7.42
CA GLN B 46 30.31 16.55 7.37
C GLN B 46 29.73 15.22 6.93
N GLU B 47 28.82 14.67 7.74
CA GLU B 47 28.12 13.44 7.35
C GLU B 47 26.88 13.83 6.56
N VAL B 48 26.69 13.18 5.41
CA VAL B 48 25.62 13.56 4.48
C VAL B 48 24.80 12.37 4.04
N ALA B 49 23.72 12.63 3.32
CA ALA B 49 22.94 11.59 2.67
C ALA B 49 22.99 11.77 1.16
N ILE B 50 23.34 10.71 0.44
CA ILE B 50 23.45 10.80 -1.01
C ILE B 50 22.38 9.96 -1.71
N LYS B 51 21.41 10.64 -2.32
CA LYS B 51 20.39 9.98 -3.11
C LYS B 51 20.98 9.55 -4.45
N GLN B 52 21.37 8.29 -4.53
CA GLN B 52 22.00 7.74 -5.72
C GLN B 52 20.96 7.06 -6.62
N MET B 53 20.74 7.62 -7.79
CA MET B 53 19.67 7.17 -8.68
C MET B 53 20.18 6.48 -9.94
N ASN B 54 19.34 6.47 -10.97
CA ASN B 54 19.68 5.90 -12.26
C ASN B 54 18.84 6.54 -13.36
N LEU B 55 19.42 7.53 -14.04
CA LEU B 55 18.67 8.33 -15.02
C LEU B 55 18.24 7.55 -16.26
N GLN B 56 19.10 6.65 -16.74
CA GLN B 56 18.80 5.88 -17.94
C GLN B 56 17.76 4.80 -17.64
N LYS B 61 11.31 10.91 -15.10
CA LYS B 61 12.52 11.73 -15.14
C LYS B 61 12.20 13.20 -14.93
N GLU B 62 11.24 13.71 -15.70
CA GLU B 62 10.86 15.11 -15.66
C GLU B 62 10.38 15.56 -14.28
N LEU B 63 9.91 14.62 -13.47
CA LEU B 63 9.39 14.93 -12.14
C LEU B 63 10.47 15.43 -11.19
N ILE B 64 11.56 14.65 -11.08
CA ILE B 64 12.60 14.93 -10.09
C ILE B 64 13.52 16.07 -10.50
N ILE B 65 13.62 16.33 -11.80
CA ILE B 65 14.47 17.42 -12.30
C ILE B 65 14.03 18.77 -11.77
N ASN B 66 12.71 19.00 -11.79
CA ASN B 66 12.16 20.25 -11.28
C ASN B 66 12.09 20.29 -9.75
N GLU B 67 11.95 19.11 -9.14
CA GLU B 67 11.89 19.00 -7.68
C GLU B 67 13.21 19.41 -7.04
N ILE B 68 14.32 18.98 -7.65
CA ILE B 68 15.66 19.36 -7.22
C ILE B 68 15.85 20.87 -7.35
N LEU B 69 15.38 21.41 -8.47
CA LEU B 69 15.40 22.85 -8.71
C LEU B 69 14.69 23.57 -7.57
N VAL B 70 13.59 22.99 -7.11
CA VAL B 70 12.84 23.54 -5.98
C VAL B 70 13.68 23.50 -4.71
N MET B 71 14.24 22.34 -4.42
CA MET B 71 15.00 22.12 -3.18
C MET B 71 16.18 23.08 -3.03
N ARG B 72 16.87 23.37 -4.13
CA ARG B 72 18.08 24.21 -4.07
C ARG B 72 17.77 25.68 -3.82
N GLU B 73 16.59 26.12 -4.25
CA GLU B 73 16.22 27.53 -4.10
C GLU B 73 15.40 27.75 -2.82
N ASN B 74 14.85 26.67 -2.28
CA ASN B 74 14.02 26.76 -1.08
C ASN B 74 14.60 25.96 0.08
N LYS B 75 15.55 26.55 0.81
CA LYS B 75 16.18 25.89 1.95
C LYS B 75 15.64 26.41 3.28
N ASN B 76 15.49 25.50 4.24
CA ASN B 76 14.98 25.85 5.56
C ASN B 76 15.72 25.10 6.66
N PRO B 77 15.99 25.77 7.79
CA PRO B 77 16.63 25.13 8.95
C PRO B 77 15.89 23.88 9.43
N ASN B 78 14.58 23.85 9.30
CA ASN B 78 13.78 22.73 9.81
C ASN B 78 13.44 21.67 8.76
N ILE B 79 14.21 21.66 7.68
CA ILE B 79 14.07 20.65 6.64
C ILE B 79 15.44 20.09 6.30
N VAL B 80 15.50 18.80 5.99
CA VAL B 80 16.71 18.23 5.43
C VAL B 80 16.97 18.93 4.10
N ASN B 81 18.03 19.73 4.05
CA ASN B 81 18.30 20.58 2.89
C ASN B 81 19.16 19.92 1.81
N TYR B 82 18.92 20.35 0.58
CA TYR B 82 19.73 19.97 -0.56
C TYR B 82 21.12 20.59 -0.41
N LEU B 83 22.15 19.77 -0.54
CA LEU B 83 23.52 20.29 -0.50
C LEU B 83 24.10 20.48 -1.90
N ASP B 84 23.96 19.48 -2.75
CA ASP B 84 24.64 19.47 -4.03
C ASP B 84 24.15 18.34 -4.93
N SER B 85 24.53 18.38 -6.20
CA SER B 85 24.21 17.30 -7.13
C SER B 85 25.38 17.01 -8.09
N TYR B 86 25.40 15.80 -8.63
CA TYR B 86 26.46 15.39 -9.55
C TYR B 86 25.94 14.44 -10.62
N LEU B 87 26.55 14.52 -11.81
CA LEU B 87 26.26 13.58 -12.88
C LEU B 87 27.31 12.46 -12.86
N VAL B 88 26.91 11.27 -12.44
CA VAL B 88 27.84 10.16 -12.25
C VAL B 88 27.50 8.96 -13.14
N GLY B 89 28.03 8.98 -14.36
CA GLY B 89 27.94 7.86 -15.30
C GLY B 89 26.63 7.11 -15.35
N ASP B 90 25.67 7.64 -16.12
CA ASP B 90 24.34 7.05 -16.27
C ASP B 90 23.52 7.08 -14.98
N GLU B 91 24.07 7.71 -13.94
CA GLU B 91 23.38 7.89 -12.68
C GLU B 91 23.42 9.33 -12.20
N LEU B 92 22.39 9.76 -11.49
CA LEU B 92 22.34 11.08 -10.88
C LEU B 92 22.49 10.99 -9.37
N TRP B 93 23.38 11.79 -8.79
CA TRP B 93 23.56 11.83 -7.34
C TRP B 93 23.08 13.15 -6.75
N VAL B 94 22.24 13.06 -5.72
CA VAL B 94 21.80 14.24 -4.98
C VAL B 94 22.28 14.18 -3.52
N VAL B 95 23.03 15.20 -3.10
CA VAL B 95 23.61 15.21 -1.76
C VAL B 95 22.72 15.96 -0.76
N MET B 96 22.19 15.22 0.22
CA MET B 96 21.31 15.80 1.23
C MET B 96 22.01 15.87 2.59
N GLU B 97 21.57 16.81 3.42
CA GLU B 97 22.03 16.90 4.80
C GLU B 97 21.60 15.64 5.54
N TYR B 98 22.29 15.32 6.63
CA TYR B 98 21.85 14.20 7.45
C TYR B 98 22.09 14.42 8.95
N LEU B 99 21.29 13.74 9.76
CA LEU B 99 21.36 13.86 11.21
C LEU B 99 21.51 12.49 11.85
N ALA B 100 22.32 12.42 12.91
CA ALA B 100 22.62 11.14 13.55
C ALA B 100 21.55 10.66 14.53
N GLY B 101 20.76 11.58 15.07
CA GLY B 101 19.85 11.28 16.15
C GLY B 101 18.71 10.32 15.84
N GLY B 102 18.62 9.84 14.62
CA GLY B 102 17.58 8.89 14.26
C GLY B 102 16.23 9.54 14.04
N SER B 103 15.20 8.71 13.94
CA SER B 103 13.84 9.19 13.69
C SER B 103 13.14 9.58 14.98
N LEU B 104 12.08 10.36 14.84
CA LEU B 104 11.22 10.69 15.96
C LEU B 104 10.53 9.40 16.43
N THR B 105 10.28 8.49 15.49
CA THR B 105 9.65 7.21 15.79
C THR B 105 10.35 6.43 16.90
N ASP B 106 11.67 6.34 16.81
CA ASP B 106 12.44 5.57 17.78
C ASP B 106 12.37 6.21 19.16
N VAL B 107 12.42 7.54 19.18
CA VAL B 107 12.30 8.28 20.43
C VAL B 107 10.93 8.07 21.05
N VAL B 108 9.89 8.25 20.24
CA VAL B 108 8.51 8.08 20.67
C VAL B 108 8.24 6.70 21.28
N THR B 109 8.80 5.65 20.68
CA THR B 109 8.49 4.29 21.11
C THR B 109 9.36 3.77 22.25
N GLU B 110 10.51 4.39 22.48
CA GLU B 110 11.47 3.91 23.46
C GLU B 110 11.56 4.81 24.68
N THR B 111 10.81 5.91 24.66
CA THR B 111 10.78 6.85 25.78
C THR B 111 9.37 7.37 25.95
N CYS B 112 9.08 7.87 27.14
CA CYS B 112 7.91 8.70 27.33
C CYS B 112 8.37 10.16 27.24
N MET B 113 7.70 10.93 26.39
CA MET B 113 8.06 12.33 26.23
C MET B 113 7.14 13.17 27.10
N ASP B 114 7.65 14.27 27.66
CA ASP B 114 6.77 15.18 28.38
C ASP B 114 6.27 16.26 27.43
N GLU B 115 5.23 16.96 27.87
CA GLU B 115 4.55 17.95 27.04
C GLU B 115 5.47 19.08 26.61
N GLY B 116 6.47 19.36 27.43
CA GLY B 116 7.49 20.33 27.07
C GLY B 116 8.38 19.84 25.93
N GLN B 117 8.61 18.54 25.88
CA GLN B 117 9.40 17.97 24.79
C GLN B 117 8.56 17.88 23.51
N ILE B 118 7.28 17.57 23.67
CA ILE B 118 6.38 17.46 22.54
C ILE B 118 6.11 18.83 21.94
N ALA B 119 5.93 19.82 22.81
CA ALA B 119 5.73 21.20 22.36
C ALA B 119 6.90 21.72 21.54
N ALA B 120 8.12 21.28 21.89
CA ALA B 120 9.31 21.71 21.17
C ALA B 120 9.37 21.09 19.77
N VAL B 121 9.06 19.80 19.68
CA VAL B 121 9.00 19.12 18.41
C VAL B 121 7.90 19.71 17.53
N CYS B 122 6.75 19.97 18.15
CA CYS B 122 5.62 20.55 17.42
C CYS B 122 5.95 21.91 16.84
N ARG B 123 6.63 22.75 17.61
CA ARG B 123 7.02 24.06 17.12
C ARG B 123 7.92 23.94 15.89
N GLU B 124 9.01 23.19 16.02
CA GLU B 124 9.99 23.03 14.96
C GLU B 124 9.35 22.55 13.66
N CYS B 125 8.43 21.59 13.78
CA CYS B 125 7.68 21.08 12.63
C CYS B 125 6.78 22.15 12.01
N LEU B 126 6.12 22.94 12.86
CA LEU B 126 5.26 24.03 12.38
C LEU B 126 6.06 25.12 11.65
N GLN B 127 7.31 25.34 12.07
CA GLN B 127 8.17 26.29 11.38
C GLN B 127 8.54 25.80 9.97
N ALA B 128 8.72 24.49 9.84
CA ALA B 128 8.94 23.88 8.54
C ALA B 128 7.69 24.00 7.66
N LEU B 129 6.54 23.67 8.23
CA LEU B 129 5.28 23.72 7.49
C LEU B 129 4.91 25.14 7.07
N GLU B 130 5.21 26.11 7.91
CA GLU B 130 4.96 27.51 7.58
C GLU B 130 5.74 27.89 6.32
N PHE B 131 6.98 27.39 6.26
CA PHE B 131 7.87 27.63 5.13
C PHE B 131 7.37 26.91 3.87
N LEU B 132 7.08 25.62 4.01
CA LEU B 132 6.59 24.82 2.90
C LEU B 132 5.30 25.39 2.31
N HIS B 133 4.34 25.69 3.17
CA HIS B 133 3.05 26.19 2.75
C HIS B 133 3.12 27.54 2.02
N SER B 134 4.02 28.41 2.47
CA SER B 134 4.17 29.72 1.84
C SER B 134 4.70 29.58 0.41
N ASN B 135 5.40 28.48 0.15
CA ASN B 135 5.89 28.16 -1.19
C ASN B 135 5.02 27.11 -1.86
N GLN B 136 3.76 27.04 -1.41
CA GLN B 136 2.74 26.14 -1.97
C GLN B 136 3.17 24.68 -2.17
N VAL B 137 4.04 24.21 -1.29
CA VAL B 137 4.39 22.80 -1.22
C VAL B 137 3.54 22.15 -0.14
N ILE B 138 3.02 20.95 -0.43
CA ILE B 138 2.31 20.18 0.58
C ILE B 138 3.04 18.86 0.80
N HIS B 139 3.44 18.62 2.05
CA HIS B 139 4.25 17.45 2.39
C HIS B 139 3.48 16.14 2.22
N ARG B 140 2.28 16.11 2.79
CA ARG B 140 1.35 14.97 2.75
C ARG B 140 1.77 13.79 3.64
N ASN B 141 3.01 13.81 4.11
CA ASN B 141 3.52 12.69 4.89
C ASN B 141 4.16 13.14 6.20
N ILE B 142 3.46 14.00 6.93
CA ILE B 142 3.90 14.39 8.25
C ILE B 142 3.60 13.26 9.21
N LYS B 143 4.64 12.52 9.55
CA LYS B 143 4.54 11.46 10.54
C LYS B 143 5.91 11.26 11.19
N SER B 144 5.94 10.57 12.33
CA SER B 144 7.17 10.51 13.14
C SER B 144 8.37 9.92 12.40
N ASP B 145 8.11 9.02 11.45
CA ASP B 145 9.18 8.39 10.68
C ASP B 145 9.90 9.40 9.76
N ASN B 146 9.17 10.42 9.34
CA ASN B 146 9.72 11.42 8.44
C ASN B 146 10.31 12.62 9.18
N ILE B 147 10.48 12.46 10.48
CA ILE B 147 11.08 13.50 11.29
C ILE B 147 12.46 13.02 11.70
N LEU B 148 13.48 13.83 11.45
CA LEU B 148 14.84 13.45 11.81
C LEU B 148 15.41 14.33 12.92
N LEU B 149 16.18 13.70 13.81
CA LEU B 149 16.72 14.40 14.97
C LEU B 149 18.23 14.49 14.87
N GLY B 150 18.78 15.60 15.35
CA GLY B 150 20.22 15.75 15.44
C GLY B 150 20.70 15.52 16.87
N MET B 151 22.00 15.23 17.02
CA MET B 151 22.58 14.98 18.34
C MET B 151 22.53 16.21 19.23
N ASP B 152 22.28 17.38 18.63
CA ASP B 152 22.11 18.61 19.41
C ASP B 152 20.64 18.87 19.70
N GLY B 153 19.76 17.96 19.30
CA GLY B 153 18.33 18.12 19.49
C GLY B 153 17.61 18.78 18.31
N SER B 154 18.32 18.98 17.22
CA SER B 154 17.75 19.55 15.99
C SER B 154 16.62 18.71 15.44
N VAL B 155 15.65 19.38 14.82
CA VAL B 155 14.49 18.70 14.25
C VAL B 155 14.32 19.08 12.78
N LYS B 156 14.15 18.08 11.91
CA LYS B 156 14.03 18.31 10.47
C LYS B 156 13.04 17.38 9.77
N LEU B 157 12.26 17.95 8.83
CA LEU B 157 11.36 17.18 7.96
C LEU B 157 12.12 16.50 6.83
N THR B 158 11.62 15.33 6.41
CA THR B 158 12.30 14.54 5.38
C THR B 158 11.33 13.85 4.42
N ASP B 159 11.78 13.68 3.18
CA ASP B 159 11.11 12.84 2.16
C ASP B 159 9.77 13.33 1.63
N PHE B 160 9.82 13.94 0.44
CA PHE B 160 8.64 14.54 -0.18
C PHE B 160 8.25 13.78 -1.45
N GLY B 161 9.24 13.12 -2.06
CA GLY B 161 9.01 12.36 -3.28
C GLY B 161 8.55 10.94 -3.03
N GLN B 170 -2.35 5.35 -4.73
CA GLN B 170 -3.62 4.70 -4.48
C GLN B 170 -4.44 4.51 -5.76
N SER B 171 -4.86 3.27 -6.01
CA SER B 171 -5.80 2.98 -7.08
C SER B 171 -7.11 2.49 -6.47
N LYS B 172 -8.22 2.80 -7.13
CA LYS B 172 -9.53 2.36 -6.65
C LYS B 172 -9.60 0.84 -6.55
N ARG B 173 -8.93 0.17 -7.48
CA ARG B 173 -8.99 -1.28 -7.58
C ARG B 173 -8.00 -1.98 -6.65
N SER B 174 -7.10 -1.20 -6.07
CA SER B 174 -6.06 -1.76 -5.20
C SER B 174 -6.58 -1.99 -3.78
N GLU B 175 -6.10 -3.07 -3.17
CA GLU B 175 -6.39 -3.34 -1.78
C GLU B 175 -5.62 -2.34 -0.92
N MET B 176 -6.09 -2.14 0.32
CA MET B 176 -5.36 -1.32 1.28
C MET B 176 -4.45 -2.19 2.14
N VAL B 177 -3.15 -1.94 2.07
CA VAL B 177 -2.20 -2.69 2.86
C VAL B 177 -1.87 -1.97 4.18
N GLY B 178 -1.32 -0.77 4.07
CA GLY B 178 -1.02 0.01 5.25
C GLY B 178 -2.21 0.85 5.69
N THR B 179 -2.17 1.33 6.93
CA THR B 179 -3.19 2.22 7.43
C THR B 179 -2.68 3.66 7.38
N PRO B 180 -3.38 4.52 6.64
CA PRO B 180 -2.98 5.93 6.50
C PRO B 180 -3.46 6.76 7.69
N TYR B 181 -2.98 6.40 8.88
CA TYR B 181 -3.45 7.00 10.14
C TYR B 181 -3.27 8.52 10.17
N TRP B 182 -2.22 9.01 9.51
CA TRP B 182 -1.90 10.44 9.51
C TRP B 182 -2.75 11.27 8.55
N MET B 183 -3.61 10.62 7.77
CA MET B 183 -4.34 11.33 6.72
C MET B 183 -5.63 12.01 7.15
N ALA B 184 -5.72 13.30 6.84
CA ALA B 184 -6.91 14.11 7.12
C ALA B 184 -8.17 13.50 6.50
N PRO B 185 -9.35 13.83 7.06
CA PRO B 185 -10.61 13.31 6.54
C PRO B 185 -10.86 13.70 5.08
N GLU B 186 -10.48 14.92 4.70
CA GLU B 186 -10.71 15.36 3.32
C GLU B 186 -9.75 14.69 2.34
N VAL B 187 -8.76 13.98 2.87
CA VAL B 187 -7.83 13.24 2.02
C VAL B 187 -8.30 11.81 1.78
N VAL B 188 -8.79 11.16 2.84
CA VAL B 188 -9.29 9.80 2.72
C VAL B 188 -10.60 9.77 1.92
N THR B 189 -11.30 10.89 1.87
CA THR B 189 -12.53 10.99 1.08
C THR B 189 -12.20 11.40 -0.36
N ARG B 190 -10.93 11.28 -0.72
CA ARG B 190 -10.45 11.52 -2.09
C ARG B 190 -10.77 12.91 -2.64
N LYS B 191 -11.24 13.80 -1.76
CA LYS B 191 -11.59 15.15 -2.16
C LYS B 191 -10.35 15.97 -2.51
N ALA B 192 -10.55 17.20 -2.98
CA ALA B 192 -9.45 18.08 -3.26
C ALA B 192 -9.03 18.75 -1.97
N TYR B 193 -7.73 18.85 -1.73
CA TYR B 193 -7.25 19.28 -0.42
C TYR B 193 -6.10 20.27 -0.48
N GLY B 194 -5.91 21.00 0.62
CA GLY B 194 -4.87 22.01 0.69
C GLY B 194 -3.81 21.72 1.73
N PRO B 195 -2.99 22.72 2.04
CA PRO B 195 -1.84 22.63 2.95
C PRO B 195 -2.24 22.26 4.39
N LYS B 196 -3.49 22.54 4.76
CA LYS B 196 -3.94 22.26 6.11
C LYS B 196 -4.03 20.77 6.44
N VAL B 197 -3.82 19.92 5.45
CA VAL B 197 -3.78 18.48 5.70
C VAL B 197 -2.53 18.09 6.48
N ASP B 198 -1.47 18.89 6.34
CA ASP B 198 -0.23 18.64 7.05
C ASP B 198 -0.43 18.94 8.53
N ILE B 199 -1.26 19.93 8.82
CA ILE B 199 -1.61 20.32 10.17
C ILE B 199 -2.34 19.19 10.88
N TRP B 200 -3.28 18.58 10.16
CA TRP B 200 -3.98 17.41 10.67
C TRP B 200 -2.99 16.31 11.02
N SER B 201 -2.06 16.06 10.11
CA SER B 201 -1.09 15.00 10.28
C SER B 201 -0.14 15.30 11.43
N LEU B 202 -0.02 16.58 11.76
CA LEU B 202 0.83 17.01 12.86
C LEU B 202 0.13 16.70 14.18
N GLY B 203 -1.17 17.01 14.21
CA GLY B 203 -2.00 16.66 15.35
C GLY B 203 -1.96 15.18 15.64
N ILE B 204 -2.08 14.38 14.58
CA ILE B 204 -2.00 12.93 14.73
C ILE B 204 -0.63 12.53 15.25
N MET B 205 0.40 13.28 14.87
CA MET B 205 1.74 12.99 15.33
C MET B 205 1.95 13.35 16.80
N ALA B 206 1.27 14.40 17.26
CA ALA B 206 1.37 14.80 18.67
C ALA B 206 0.72 13.75 19.55
N ILE B 207 -0.46 13.27 19.13
CA ILE B 207 -1.12 12.16 19.81
C ILE B 207 -0.21 10.93 19.80
N GLU B 208 0.50 10.71 18.69
CA GLU B 208 1.43 9.59 18.64
C GLU B 208 2.53 9.77 19.67
N MET B 209 2.99 11.01 19.84
CA MET B 209 4.07 11.30 20.77
C MET B 209 3.70 11.05 22.24
N ILE B 210 2.48 11.38 22.63
CA ILE B 210 2.05 11.25 24.01
C ILE B 210 1.62 9.81 24.30
N GLU B 211 1.18 9.10 23.27
CA GLU B 211 0.70 7.74 23.48
C GLU B 211 1.74 6.67 23.16
N GLY B 212 2.83 7.07 22.52
CA GLY B 212 3.92 6.16 22.20
C GLY B 212 3.58 5.18 21.08
N GLU B 213 2.62 5.54 20.25
CA GLU B 213 2.11 4.66 19.19
C GLU B 213 1.25 5.44 18.22
N PRO B 214 1.25 5.02 16.94
CA PRO B 214 0.28 5.62 16.01
C PRO B 214 -1.13 5.13 16.35
N PRO B 215 -2.15 5.97 16.14
CA PRO B 215 -3.53 5.52 16.33
C PRO B 215 -3.94 4.45 15.31
N TYR B 216 -5.11 3.85 15.52
CA TYR B 216 -5.65 2.82 14.62
C TYR B 216 -4.70 1.63 14.42
N LEU B 217 -3.85 1.36 15.40
CA LEU B 217 -2.79 0.36 15.25
C LEU B 217 -3.32 -1.07 15.23
N ASN B 218 -4.51 -1.29 15.78
CA ASN B 218 -5.12 -2.60 15.80
C ASN B 218 -6.42 -2.67 14.99
N GLU B 219 -6.60 -1.71 14.08
CA GLU B 219 -7.77 -1.70 13.21
C GLU B 219 -7.34 -2.07 11.80
N ASN B 220 -8.23 -2.73 11.06
CA ASN B 220 -8.04 -2.92 9.62
C ASN B 220 -8.11 -1.55 8.93
N PRO B 221 -7.27 -1.36 7.90
CA PRO B 221 -7.16 -0.10 7.16
C PRO B 221 -8.51 0.55 6.82
N LEU B 222 -9.43 -0.25 6.28
CA LEU B 222 -10.72 0.24 5.82
C LEU B 222 -11.58 0.73 6.98
N ARG B 223 -11.55 0.00 8.09
CA ARG B 223 -12.23 0.42 9.31
C ARG B 223 -11.67 1.78 9.74
N ALA B 224 -10.35 1.87 9.81
CA ALA B 224 -9.69 3.12 10.16
C ALA B 224 -10.11 4.24 9.22
N LEU B 225 -10.14 3.94 7.92
CA LEU B 225 -10.63 4.88 6.91
C LEU B 225 -11.98 5.50 7.26
N TYR B 226 -12.96 4.64 7.53
CA TYR B 226 -14.29 5.09 7.92
C TYR B 226 -14.26 5.97 9.17
N LEU B 227 -13.54 5.52 10.20
CA LEU B 227 -13.42 6.27 11.45
C LEU B 227 -12.82 7.66 11.20
N ILE B 228 -11.74 7.72 10.42
CA ILE B 228 -11.08 8.97 10.09
C ILE B 228 -12.01 9.94 9.38
N ALA B 229 -12.81 9.42 8.45
CA ALA B 229 -13.74 10.25 7.70
C ALA B 229 -14.97 10.63 8.53
N THR B 230 -15.46 9.69 9.33
CA THR B 230 -16.68 9.93 10.09
C THR B 230 -16.45 10.72 11.37
N ASN B 231 -15.49 10.28 12.17
CA ASN B 231 -15.26 10.85 13.50
C ASN B 231 -14.10 11.85 13.56
N GLY B 232 -13.19 11.77 12.60
CA GLY B 232 -12.03 12.64 12.56
C GLY B 232 -10.89 12.11 13.42
N THR B 233 -10.70 12.75 14.57
CA THR B 233 -9.66 12.34 15.52
C THR B 233 -9.92 10.94 16.08
N PRO B 234 -8.86 10.16 16.27
CA PRO B 234 -9.05 8.91 17.01
C PRO B 234 -9.42 9.25 18.45
N GLU B 235 -10.14 8.35 19.13
CA GLU B 235 -10.39 8.53 20.54
C GLU B 235 -9.04 8.53 21.25
N LEU B 236 -8.77 9.56 22.04
CA LEU B 236 -7.58 9.57 22.86
C LEU B 236 -7.65 8.42 23.85
N GLN B 237 -6.64 7.56 23.86
CA GLN B 237 -6.66 6.41 24.77
C GLN B 237 -6.69 6.79 26.24
N ASN B 238 -5.89 7.79 26.62
CA ASN B 238 -5.91 8.27 28.01
C ASN B 238 -5.97 9.80 28.06
N PRO B 239 -7.15 10.36 27.77
CA PRO B 239 -7.31 11.82 27.69
C PRO B 239 -7.02 12.52 29.00
N GLU B 240 -7.06 11.79 30.11
CA GLU B 240 -6.80 12.36 31.42
C GLU B 240 -5.33 12.75 31.58
N LYS B 241 -4.47 12.19 30.72
CA LYS B 241 -3.04 12.40 30.80
C LYS B 241 -2.57 13.67 30.12
N LEU B 242 -3.51 14.41 29.51
CA LEU B 242 -3.15 15.60 28.74
C LEU B 242 -3.62 16.88 29.44
N SER B 243 -2.74 17.88 29.51
CA SER B 243 -3.12 19.19 30.03
C SER B 243 -4.18 19.80 29.12
N ALA B 244 -4.93 20.75 29.65
CA ALA B 244 -5.98 21.42 28.87
C ALA B 244 -5.41 22.09 27.63
N ILE B 245 -4.28 22.77 27.78
CA ILE B 245 -3.72 23.52 26.66
C ILE B 245 -3.16 22.61 25.55
N PHE B 246 -2.69 21.42 25.93
CA PHE B 246 -2.27 20.42 24.95
C PHE B 246 -3.51 19.91 24.22
N ARG B 247 -4.58 19.61 24.96
CA ARG B 247 -5.83 19.19 24.32
C ARG B 247 -6.41 20.26 23.41
N ASP B 248 -6.22 21.52 23.77
CA ASP B 248 -6.69 22.64 22.96
C ASP B 248 -5.90 22.71 21.66
N PHE B 249 -4.60 22.45 21.76
CA PHE B 249 -3.71 22.43 20.60
C PHE B 249 -4.12 21.34 19.62
N LEU B 250 -4.39 20.17 20.15
CA LEU B 250 -4.87 19.05 19.34
C LEU B 250 -6.21 19.40 18.65
N ASN B 251 -7.05 20.14 19.35
CA ASN B 251 -8.36 20.53 18.81
C ASN B 251 -8.27 21.49 17.62
N ARG B 252 -7.30 22.40 17.67
CA ARG B 252 -7.08 23.34 16.57
C ARG B 252 -6.42 22.64 15.38
N CYS B 253 -5.67 21.56 15.66
CA CYS B 253 -4.98 20.81 14.63
C CYS B 253 -5.91 19.80 13.95
N LEU B 254 -6.94 19.37 14.69
CA LEU B 254 -7.77 18.26 14.25
C LEU B 254 -9.23 18.61 14.03
N GLU B 255 -9.52 19.87 13.71
CA GLU B 255 -10.86 20.29 13.31
C GLU B 255 -11.16 19.73 11.92
N MET B 256 -12.28 19.01 11.78
CA MET B 256 -12.64 18.40 10.50
C MET B 256 -13.01 19.47 9.46
N ASP B 257 -13.71 20.51 9.91
CA ASP B 257 -13.96 21.70 9.12
C ASP B 257 -12.60 22.32 8.76
N VAL B 258 -12.20 22.17 7.50
CA VAL B 258 -10.91 22.66 7.01
C VAL B 258 -10.69 24.15 7.30
N GLU B 259 -11.73 24.94 7.14
CA GLU B 259 -11.65 26.38 7.38
C GLU B 259 -11.41 26.69 8.86
N LYS B 260 -12.04 25.90 9.73
CA LYS B 260 -11.92 26.09 11.18
C LYS B 260 -10.56 25.61 11.68
N ARG B 261 -9.94 24.70 10.94
CA ARG B 261 -8.62 24.17 11.29
C ARG B 261 -7.56 25.27 11.18
N GLY B 262 -6.58 25.24 12.09
CA GLY B 262 -5.53 26.25 12.10
C GLY B 262 -4.55 26.09 10.95
N SER B 263 -3.99 27.20 10.50
CA SER B 263 -2.88 27.19 9.58
C SER B 263 -1.59 27.05 10.38
N ALA B 264 -0.48 26.80 9.69
CA ALA B 264 0.80 26.70 10.37
C ALA B 264 1.19 28.03 11.02
N LYS B 265 0.85 29.13 10.33
CA LYS B 265 1.14 30.46 10.84
C LYS B 265 0.39 30.76 12.14
N GLU B 266 -0.87 30.36 12.20
CA GLU B 266 -1.70 30.61 13.38
C GLU B 266 -1.24 29.76 14.56
N LEU B 267 -1.05 28.47 14.30
CA LEU B 267 -0.67 27.51 15.34
C LEU B 267 0.70 27.79 15.96
N LEU B 268 1.54 28.51 15.24
CA LEU B 268 2.83 28.90 15.79
C LEU B 268 2.66 29.90 16.92
N GLN B 269 1.48 30.53 16.99
CA GLN B 269 1.17 31.49 18.04
C GLN B 269 0.44 30.86 19.22
N HIS B 270 0.13 29.57 19.10
CA HIS B 270 -0.65 28.88 20.12
C HIS B 270 0.09 28.79 21.45
N GLN B 271 -0.67 28.83 22.54
CA GLN B 271 -0.11 28.85 23.90
C GLN B 271 0.70 27.61 24.22
N PHE B 272 0.24 26.46 23.72
CA PHE B 272 0.89 25.19 23.99
C PHE B 272 2.37 25.17 23.62
N LEU B 273 2.73 25.87 22.56
CA LEU B 273 4.12 25.92 22.13
C LEU B 273 4.97 26.74 23.08
N LYS B 274 4.33 27.49 23.96
CA LYS B 274 5.06 28.35 24.88
C LYS B 274 5.59 27.59 26.11
N ILE B 275 5.18 26.33 26.26
CA ILE B 275 5.71 25.49 27.33
C ILE B 275 6.86 24.62 26.81
N ALA B 276 7.37 24.98 25.63
CA ALA B 276 8.42 24.22 24.96
C ALA B 276 9.76 24.27 25.69
N LYS B 277 10.31 23.10 26.01
CA LYS B 277 11.65 23.01 26.56
C LYS B 277 12.66 23.31 25.45
N PRO B 278 13.90 23.70 25.82
CA PRO B 278 14.96 23.86 24.81
C PRO B 278 15.16 22.54 24.06
N LEU B 279 15.60 22.61 22.80
CA LEU B 279 15.78 21.41 22.00
C LEU B 279 16.82 20.45 22.62
N SER B 280 17.67 20.97 23.49
CA SER B 280 18.64 20.14 24.20
C SER B 280 17.96 19.03 25.01
N SER B 281 16.75 19.31 25.49
CA SER B 281 15.97 18.34 26.25
C SER B 281 15.57 17.11 25.43
N LEU B 282 15.96 17.08 24.16
CA LEU B 282 15.66 15.94 23.30
C LEU B 282 16.84 14.99 23.29
N THR B 283 18.03 15.55 23.46
CA THR B 283 19.26 14.75 23.44
C THR B 283 19.28 13.56 24.44
N PRO B 284 18.74 13.74 25.65
CA PRO B 284 18.69 12.53 26.49
C PRO B 284 17.71 11.47 25.95
N LEU B 285 16.62 11.91 25.31
CA LEU B 285 15.67 10.99 24.69
C LEU B 285 16.32 10.20 23.56
N ILE B 286 17.19 10.88 22.83
CA ILE B 286 17.90 10.25 21.72
C ILE B 286 18.85 9.19 22.25
N ALA B 287 19.55 9.54 23.34
CA ALA B 287 20.44 8.59 24.01
C ALA B 287 19.69 7.33 24.41
N ALA B 288 18.53 7.50 25.02
CA ALA B 288 17.70 6.37 25.43
C ALA B 288 17.29 5.54 24.21
N ALA B 289 16.69 6.18 23.22
CA ALA B 289 16.32 5.50 21.98
C ALA B 289 17.48 4.70 21.39
N LYS B 290 18.64 5.33 21.31
CA LYS B 290 19.84 4.66 20.81
C LYS B 290 20.33 3.53 21.72
N GLU B 291 20.11 3.65 23.02
CA GLU B 291 20.53 2.60 23.94
C GLU B 291 19.63 1.38 23.78
N ALA B 292 18.35 1.62 23.54
CA ALA B 292 17.41 0.54 23.37
C ALA B 292 17.56 -0.15 22.00
N THR B 293 18.23 0.53 21.06
CA THR B 293 18.46 -0.01 19.71
C THR B 293 19.86 0.27 19.17
N LYS B 294 20.86 -0.52 19.57
CA LYS B 294 20.72 -1.58 20.56
C LYS B 294 21.62 -1.31 21.76
#